data_9CNV
#
_entry.id   9CNV
#
loop_
_entity.id
_entity.type
_entity.pdbx_description
1 polymer 'Capsid protein p24'
2 polymer 'Isoform 2 of Cleavage and polyadenylation specificity factor subunit 6'
3 non-polymer 'INOSITOL HEXAKISPHOSPHATE'
#
loop_
_entity_poly.entity_id
_entity_poly.type
_entity_poly.pdbx_seq_one_letter_code
_entity_poly.pdbx_strand_id
1 'polypeptide(L)'
;PVQQTGGGNYIHVPLSPRTLNAWVKLVEDKKFGAEVVPGFQALSEGCTPYDINQMLNCVGDHQAAMQIIREIINDEAADW
DAQHPIPGPLPAGQLRDPRGSDIAGTTSTVEEQIQWMYRPQNPVPVGNIYRRWIQIGLQKCVRMYNPTNILDVKQGPKEP
FQSYVDRFYKSLRAEQTDPAVKNWMTQTLLIQNANPDCKLVLKGLGMNPTLEEMLTACQGVGGPGQKARLMGSSHHHHHH
;
A
2 'polypeptide(L)' PVLFPGQPFGQPPLG B
#
loop_
_chem_comp.id
_chem_comp.type
_chem_comp.name
_chem_comp.formula
IHP non-polymer 'INOSITOL HEXAKISPHOSPHATE' 'C6 H18 O24 P6'
#
# COMPACT_ATOMS: atom_id res chain seq x y z
N PRO A 1 -13.43 11.41 -8.15
CA PRO A 1 -13.62 11.76 -6.74
C PRO A 1 -15.07 12.18 -6.44
N VAL A 2 -15.29 12.89 -5.32
CA VAL A 2 -16.67 13.30 -4.91
C VAL A 2 -16.66 14.78 -4.53
N GLN A 3 -17.78 15.47 -4.75
CA GLN A 3 -17.94 16.90 -4.39
C GLN A 3 -19.32 16.99 -3.73
N GLN A 4 -19.76 18.15 -3.24
CA GLN A 4 -21.11 18.32 -2.64
C GLN A 4 -21.82 19.47 -3.35
N THR A 5 -23.15 19.49 -3.32
CA THR A 5 -23.97 20.54 -3.98
C THR A 5 -25.06 21.02 -3.02
N GLY A 6 -25.69 22.16 -3.30
CA GLY A 6 -26.72 22.74 -2.43
C GLY A 6 -27.86 21.76 -2.16
N GLY A 7 -28.35 21.72 -0.92
CA GLY A 7 -29.43 20.79 -0.52
C GLY A 7 -28.87 19.59 0.21
N GLY A 8 -27.56 19.36 0.16
CA GLY A 8 -26.89 18.24 0.86
C GLY A 8 -26.62 17.09 -0.08
N ASN A 9 -26.89 17.25 -1.38
CA ASN A 9 -26.67 16.18 -2.38
C ASN A 9 -25.17 16.05 -2.61
N TYR A 10 -24.70 14.97 -3.25
CA TYR A 10 -23.27 14.80 -3.61
C TYR A 10 -23.19 14.43 -5.08
N ILE A 11 -22.03 14.66 -5.69
CA ILE A 11 -21.84 14.40 -7.14
C ILE A 11 -20.52 13.67 -7.36
N HIS A 12 -20.24 13.33 -8.62
CA HIS A 12 -18.94 12.72 -8.99
C HIS A 12 -18.14 13.75 -9.78
N VAL A 13 -16.83 13.63 -9.78
CA VAL A 13 -15.94 14.52 -10.57
C VAL A 13 -14.84 13.67 -11.19
N PRO A 14 -13.99 14.22 -12.07
CA PRO A 14 -12.87 13.49 -12.63
C PRO A 14 -11.64 13.43 -11.71
N LEU A 15 -10.72 12.49 -11.96
CA LEU A 15 -9.45 12.43 -11.20
C LEU A 15 -8.43 13.31 -11.94
N SER A 16 -7.79 14.24 -11.24
CA SER A 16 -6.83 15.18 -11.86
C SER A 16 -5.81 14.46 -12.75
N PRO A 17 -5.51 14.99 -13.95
CA PRO A 17 -4.47 14.44 -14.79
C PRO A 17 -3.11 14.52 -14.11
N ARG A 18 -2.90 15.55 -13.28
CA ARG A 18 -1.64 15.76 -12.53
C ARG A 18 -1.43 14.61 -11.56
N THR A 19 -2.49 14.12 -10.94
CA THR A 19 -2.44 13.02 -9.96
C THR A 19 -2.18 11.69 -10.64
N LEU A 20 -2.81 11.46 -11.80
CA LEU A 20 -2.62 10.23 -12.61
C LEU A 20 -1.16 10.17 -13.05
N ASN A 21 -0.63 11.29 -13.52
CA ASN A 21 0.77 11.37 -14.02
C ASN A 21 1.74 11.13 -12.88
N ALA A 22 1.46 11.66 -11.69
CA ALA A 22 2.34 11.55 -10.51
C ALA A 22 2.33 10.11 -9.98
N TRP A 23 1.21 9.41 -10.09
CA TRP A 23 1.11 7.99 -9.68
C TRP A 23 2.00 7.15 -10.59
N VAL A 24 1.93 7.39 -11.89
CA VAL A 24 2.72 6.66 -12.92
C VAL A 24 4.21 6.90 -12.66
N LYS A 25 4.61 8.15 -12.44
CA LYS A 25 6.04 8.52 -12.24
C LYS A 25 6.56 7.86 -10.96
N LEU A 26 5.74 7.83 -9.91
CA LEU A 26 6.12 7.21 -8.62
C LEU A 26 6.38 5.72 -8.87
N VAL A 27 5.56 5.07 -9.69
CA VAL A 27 5.72 3.63 -10.03
C VAL A 27 6.96 3.43 -10.88
N GLU A 28 7.20 4.29 -11.87
CA GLU A 28 8.34 4.10 -12.82
C GLU A 28 9.68 4.42 -12.17
N ASP A 29 9.82 5.58 -11.52
CA ASP A 29 11.12 6.03 -10.98
C ASP A 29 11.55 5.18 -9.79
N LYS A 30 10.62 4.81 -8.92
CA LYS A 30 10.89 4.03 -7.70
C LYS A 30 10.77 2.54 -8.01
N LYS A 31 10.37 2.18 -9.23
CA LYS A 31 10.30 0.76 -9.67
C LYS A 31 9.53 -0.03 -8.61
N PHE A 32 8.33 0.42 -8.24
CA PHE A 32 7.51 -0.22 -7.19
C PHE A 32 8.31 -0.37 -5.90
N GLY A 33 8.82 0.74 -5.37
CA GLY A 33 9.49 0.75 -4.06
C GLY A 33 8.41 0.79 -3.00
N ALA A 34 8.75 0.70 -1.72
CA ALA A 34 7.77 0.76 -0.61
C ALA A 34 7.07 2.11 -0.64
N GLU A 35 7.81 3.19 -0.93
CA GLU A 35 7.26 4.57 -1.06
C GLU A 35 6.01 4.62 -1.93
N VAL A 36 5.84 3.69 -2.87
CA VAL A 36 4.72 3.70 -3.85
C VAL A 36 3.39 3.48 -3.13
N VAL A 37 3.34 2.66 -2.09
CA VAL A 37 2.08 2.30 -1.39
C VAL A 37 1.40 3.54 -0.78
N PRO A 38 2.11 4.43 -0.06
CA PRO A 38 1.52 5.65 0.49
C PRO A 38 1.37 6.81 -0.50
N GLY A 39 2.26 6.93 -1.50
CA GLY A 39 2.11 7.96 -2.55
C GLY A 39 0.76 7.75 -3.20
N PHE A 40 0.40 6.50 -3.47
CA PHE A 40 -0.90 6.12 -4.05
C PHE A 40 -2.05 6.65 -3.19
N GLN A 41 -1.97 6.43 -1.89
CA GLN A 41 -3.04 6.80 -0.94
C GLN A 41 -3.24 8.32 -0.90
N ALA A 42 -2.16 9.09 -0.79
CA ALA A 42 -2.25 10.56 -0.70
C ALA A 42 -2.85 11.10 -1.98
N LEU A 43 -2.39 10.57 -3.12
CA LEU A 43 -2.89 10.99 -4.46
C LEU A 43 -4.37 10.63 -4.58
N SER A 44 -4.81 9.55 -3.94
CA SER A 44 -6.18 9.02 -4.10
C SER A 44 -7.11 9.28 -2.92
N GLU A 45 -6.73 10.12 -1.97
CA GLU A 45 -7.57 10.33 -0.76
C GLU A 45 -8.71 11.27 -1.16
N GLY A 46 -9.96 10.97 -0.77
CA GLY A 46 -11.14 11.77 -1.16
C GLY A 46 -11.65 11.31 -2.52
N CYS A 47 -11.13 10.19 -3.03
CA CYS A 47 -11.50 9.65 -4.37
C CYS A 47 -12.56 8.56 -4.27
N THR A 48 -12.88 7.92 -5.39
CA THR A 48 -13.80 6.77 -5.44
C THR A 48 -13.08 5.66 -6.19
N PRO A 49 -13.58 4.42 -6.14
CA PRO A 49 -12.94 3.29 -6.82
C PRO A 49 -12.70 3.38 -8.33
N TYR A 50 -13.66 3.93 -9.09
CA TYR A 50 -13.58 4.07 -10.55
C TYR A 50 -12.29 4.80 -10.93
N ASP A 51 -11.96 5.84 -10.17
CA ASP A 51 -10.75 6.66 -10.42
C ASP A 51 -9.49 5.86 -10.09
N ILE A 52 -9.54 5.13 -8.98
CA ILE A 52 -8.39 4.29 -8.53
C ILE A 52 -8.12 3.28 -9.66
N ASN A 53 -9.16 2.79 -10.30
CA ASN A 53 -9.03 1.82 -11.41
C ASN A 53 -8.28 2.46 -12.58
N GLN A 54 -8.67 3.67 -12.97
CA GLN A 54 -8.06 4.39 -14.13
C GLN A 54 -6.57 4.61 -13.92
N MET A 55 -6.18 5.03 -12.72
CA MET A 55 -4.76 5.27 -12.37
C MET A 55 -3.98 3.98 -12.61
N LEU A 56 -4.54 2.86 -12.18
CA LEU A 56 -3.89 1.53 -12.27
C LEU A 56 -4.03 0.97 -13.68
N ASN A 57 -4.90 1.56 -14.51
CA ASN A 57 -5.11 1.14 -15.91
C ASN A 57 -4.28 2.00 -16.84
N CYS A 58 -3.63 3.04 -16.31
CA CYS A 58 -2.77 3.95 -17.11
C CYS A 58 -1.35 3.42 -17.14
N VAL A 59 -0.84 3.00 -15.98
CA VAL A 59 0.51 2.38 -15.95
C VAL A 59 0.51 1.32 -17.06
N GLY A 60 1.38 1.44 -18.06
CA GLY A 60 1.41 0.53 -19.20
C GLY A 60 2.50 -0.51 -19.03
N ASP A 61 3.25 -0.44 -17.94
CA ASP A 61 4.41 -1.33 -17.70
C ASP A 61 4.25 -2.05 -16.37
N HIS A 62 5.30 -2.73 -15.89
CA HIS A 62 5.27 -3.41 -14.57
C HIS A 62 3.92 -4.11 -14.50
N GLN A 63 3.48 -4.71 -15.61
CA GLN A 63 2.14 -5.30 -15.73
C GLN A 63 2.01 -6.60 -14.93
N ALA A 64 3.09 -7.33 -14.74
CA ALA A 64 3.07 -8.57 -13.92
C ALA A 64 2.67 -8.23 -12.49
N ALA A 65 3.31 -7.21 -11.91
CA ALA A 65 2.97 -6.73 -10.56
C ALA A 65 1.47 -6.47 -10.46
N MET A 66 0.89 -5.89 -11.51
CA MET A 66 -0.54 -5.53 -11.49
C MET A 66 -1.37 -6.80 -11.39
N GLN A 67 -0.99 -7.87 -12.08
CA GLN A 67 -1.70 -9.16 -11.99
C GLN A 67 -1.65 -9.62 -10.54
N ILE A 68 -0.52 -9.43 -9.86
CA ILE A 68 -0.38 -9.80 -8.42
C ILE A 68 -1.40 -8.97 -7.64
N ILE A 69 -1.54 -7.68 -7.95
CA ILE A 69 -2.54 -6.80 -7.28
C ILE A 69 -3.93 -7.39 -7.55
N ARG A 70 -4.18 -7.87 -8.76
CA ARG A 70 -5.51 -8.40 -9.14
C ARG A 70 -5.81 -9.67 -8.35
N GLU A 71 -4.85 -10.58 -8.25
CA GLU A 71 -5.03 -11.86 -7.51
C GLU A 71 -5.48 -11.50 -6.09
N ILE A 72 -4.94 -10.42 -5.52
CA ILE A 72 -5.28 -9.98 -4.15
C ILE A 72 -6.70 -9.41 -4.10
N ILE A 73 -7.08 -8.53 -5.03
CA ILE A 73 -8.41 -7.85 -5.00
C ILE A 73 -9.52 -8.90 -5.04
N ASN A 74 -9.34 -9.96 -5.82
CA ASN A 74 -10.35 -11.04 -6.01
C ASN A 74 -10.53 -11.80 -4.69
N ASP A 75 -9.47 -12.00 -3.92
CA ASP A 75 -9.48 -12.73 -2.63
C ASP A 75 -10.19 -11.89 -1.57
N GLU A 76 -9.69 -10.68 -1.30
CA GLU A 76 -10.29 -9.84 -0.24
C GLU A 76 -11.80 -9.74 -0.48
N ALA A 77 -12.18 -9.54 -1.75
CA ALA A 77 -13.62 -9.47 -2.09
C ALA A 77 -14.33 -10.74 -1.65
N ALA A 78 -13.81 -11.89 -2.08
CA ALA A 78 -14.44 -13.18 -1.73
C ALA A 78 -14.70 -13.21 -0.22
N ASP A 79 -13.73 -12.74 0.55
CA ASP A 79 -13.88 -12.72 2.03
C ASP A 79 -15.06 -11.82 2.38
N TRP A 80 -15.13 -10.64 1.77
CA TRP A 80 -16.24 -9.69 2.04
C TRP A 80 -17.57 -10.33 1.62
N ASP A 81 -17.58 -10.96 0.44
CA ASP A 81 -18.81 -11.62 -0.07
C ASP A 81 -19.30 -12.61 1.00
N ALA A 82 -18.38 -13.40 1.55
CA ALA A 82 -18.77 -14.40 2.58
C ALA A 82 -19.21 -13.67 3.86
N GLN A 83 -18.41 -12.69 4.30
CA GLN A 83 -18.72 -11.93 5.54
C GLN A 83 -20.00 -11.11 5.35
N HIS A 84 -20.20 -10.57 4.14
CA HIS A 84 -21.39 -9.73 3.86
C HIS A 84 -22.14 -10.38 2.70
N PRO A 85 -22.91 -11.46 2.95
CA PRO A 85 -23.59 -12.20 1.88
C PRO A 85 -24.81 -11.47 1.32
N ILE A 86 -25.19 -11.78 0.07
CA ILE A 86 -26.40 -11.18 -0.53
C ILE A 86 -27.55 -11.30 0.47
N PRO A 87 -28.19 -10.19 0.89
CA PRO A 87 -29.26 -10.24 1.89
C PRO A 87 -30.49 -11.00 1.36
N GLY A 88 -30.85 -10.77 0.09
CA GLY A 88 -32.05 -11.40 -0.48
C GLY A 88 -32.82 -10.40 -1.32
N PRO A 89 -34.16 -10.53 -1.46
CA PRO A 89 -34.96 -9.54 -2.19
C PRO A 89 -34.87 -8.17 -1.51
N LEU A 90 -34.78 -7.10 -2.30
CA LEU A 90 -34.65 -5.73 -1.73
C LEU A 90 -35.92 -4.94 -2.02
N PRO A 91 -36.47 -4.19 -1.04
CA PRO A 91 -37.73 -3.46 -1.24
C PRO A 91 -37.65 -2.48 -2.41
N ALA A 92 -38.69 -2.45 -3.26
CA ALA A 92 -38.75 -1.50 -4.39
C ALA A 92 -37.48 -1.61 -5.26
N GLY A 93 -36.89 -0.48 -5.62
CA GLY A 93 -35.66 -0.46 -6.44
C GLY A 93 -34.50 0.15 -5.67
N GLN A 94 -34.43 -0.05 -4.36
CA GLN A 94 -33.34 0.54 -3.52
C GLN A 94 -32.00 0.06 -4.09
N LEU A 95 -30.92 0.79 -3.84
CA LEU A 95 -29.57 0.41 -4.32
C LEU A 95 -29.18 -0.90 -3.64
N ARG A 96 -28.55 -1.82 -4.37
CA ARG A 96 -28.18 -3.17 -3.84
C ARG A 96 -27.16 -3.02 -2.71
N ASP A 97 -27.22 -3.87 -1.70
CA ASP A 97 -26.16 -3.85 -0.65
C ASP A 97 -24.85 -4.16 -1.38
N PRO A 98 -23.74 -3.44 -1.11
CA PRO A 98 -22.52 -3.64 -1.86
C PRO A 98 -21.91 -5.05 -1.74
N ARG A 99 -21.28 -5.53 -2.81
CA ARG A 99 -20.63 -6.87 -2.80
C ARG A 99 -19.17 -6.71 -3.21
N GLY A 100 -18.49 -7.81 -3.54
CA GLY A 100 -17.05 -7.78 -3.88
C GLY A 100 -16.77 -6.98 -5.12
N SER A 101 -17.52 -7.16 -6.20
CA SER A 101 -17.30 -6.43 -7.46
C SER A 101 -17.65 -4.95 -7.32
N ASP A 102 -18.68 -4.63 -6.52
CA ASP A 102 -19.17 -3.23 -6.36
C ASP A 102 -18.10 -2.36 -5.71
N ILE A 103 -17.42 -2.86 -4.68
CA ILE A 103 -16.38 -2.09 -3.94
C ILE A 103 -15.27 -1.73 -4.94
N ALA A 104 -15.02 -2.56 -5.94
CA ALA A 104 -13.94 -2.31 -6.93
C ALA A 104 -14.44 -1.36 -8.02
N GLY A 105 -15.74 -1.37 -8.32
CA GLY A 105 -16.32 -0.51 -9.36
C GLY A 105 -16.58 -1.25 -10.66
N THR A 106 -16.51 -2.58 -10.65
CA THR A 106 -16.70 -3.42 -11.87
C THR A 106 -18.19 -3.61 -12.17
N THR A 107 -18.96 -4.20 -11.26
CA THR A 107 -20.39 -4.50 -11.51
C THR A 107 -21.21 -3.30 -11.03
N SER A 108 -20.59 -2.12 -10.95
CA SER A 108 -21.25 -0.91 -10.42
C SER A 108 -20.86 0.35 -11.18
N THR A 109 -21.25 1.52 -10.66
CA THR A 109 -20.89 2.83 -11.25
C THR A 109 -20.45 3.79 -10.14
N VAL A 110 -19.97 4.97 -10.50
CA VAL A 110 -19.49 5.99 -9.52
C VAL A 110 -20.67 6.52 -8.72
N GLU A 111 -21.79 6.77 -9.38
CA GLU A 111 -22.98 7.39 -8.74
C GLU A 111 -23.48 6.47 -7.63
N GLU A 112 -23.46 5.16 -7.86
CA GLU A 112 -23.89 4.15 -6.87
C GLU A 112 -22.88 4.09 -5.72
N GLN A 113 -21.59 4.22 -6.02
CA GLN A 113 -20.50 4.19 -5.01
C GLN A 113 -20.59 5.42 -4.12
N ILE A 114 -20.94 6.58 -4.69
CA ILE A 114 -21.04 7.87 -3.94
C ILE A 114 -22.31 7.82 -3.09
N GLN A 115 -23.39 7.28 -3.62
CA GLN A 115 -24.69 7.14 -2.91
C GLN A 115 -24.48 6.25 -1.69
N TRP A 116 -23.70 5.17 -1.82
CA TRP A 116 -23.40 4.26 -0.69
C TRP A 116 -22.62 5.00 0.38
N MET A 117 -21.65 5.83 -0.02
CA MET A 117 -20.77 6.56 0.93
C MET A 117 -21.59 7.46 1.85
N TYR A 118 -22.72 7.98 1.38
CA TYR A 118 -23.60 8.91 2.16
C TYR A 118 -24.99 8.30 2.28
N ARG A 119 -25.11 7.01 2.01
CA ARG A 119 -26.40 6.31 2.25
C ARG A 119 -26.84 6.85 3.61
N PRO A 120 -28.09 7.35 3.79
CA PRO A 120 -28.46 8.00 5.05
C PRO A 120 -28.08 7.08 6.21
N GLN A 121 -28.29 5.77 6.06
CA GLN A 121 -27.92 4.77 7.09
C GLN A 121 -26.85 3.85 6.49
N ASN A 122 -25.98 3.29 7.32
CA ASN A 122 -24.90 2.39 6.83
C ASN A 122 -24.09 3.12 5.75
N PRO A 123 -23.70 4.39 5.91
CA PRO A 123 -22.84 5.01 4.93
C PRO A 123 -21.58 4.13 4.93
N VAL A 124 -21.14 3.64 3.77
CA VAL A 124 -20.00 2.70 3.67
C VAL A 124 -18.87 3.35 2.88
N PRO A 125 -17.60 3.28 3.34
CA PRO A 125 -16.48 3.87 2.63
C PRO A 125 -16.01 2.93 1.51
N VAL A 126 -16.78 2.81 0.43
CA VAL A 126 -16.46 1.88 -0.69
C VAL A 126 -15.08 2.26 -1.21
N GLY A 127 -14.74 3.55 -1.22
CA GLY A 127 -13.45 4.02 -1.75
C GLY A 127 -12.28 3.55 -0.90
N ASN A 128 -12.36 3.69 0.42
CA ASN A 128 -11.22 3.36 1.33
C ASN A 128 -10.97 1.85 1.33
N ILE A 129 -12.03 1.03 1.25
CA ILE A 129 -11.91 -0.45 1.32
C ILE A 129 -11.11 -0.96 0.13
N TYR A 130 -11.36 -0.44 -1.07
CA TYR A 130 -10.69 -0.90 -2.32
C TYR A 130 -9.23 -0.45 -2.35
N ARG A 131 -8.87 0.60 -1.61
CA ARG A 131 -7.48 1.12 -1.57
C ARG A 131 -6.66 0.25 -0.62
N ARG A 132 -7.26 -0.19 0.49
CA ARG A 132 -6.57 -1.07 1.46
C ARG A 132 -6.22 -2.39 0.80
N TRP A 133 -7.17 -2.96 0.07
CA TRP A 133 -6.94 -4.23 -0.68
C TRP A 133 -5.80 -4.00 -1.65
N ILE A 134 -5.83 -2.86 -2.33
CA ILE A 134 -4.82 -2.53 -3.38
C ILE A 134 -3.44 -2.34 -2.74
N GLN A 135 -3.37 -1.74 -1.57
CA GLN A 135 -2.09 -1.50 -0.87
C GLN A 135 -1.47 -2.83 -0.48
N ILE A 136 -2.30 -3.85 -0.21
CA ILE A 136 -1.80 -5.22 0.14
C ILE A 136 -1.11 -5.84 -1.07
N GLY A 137 -1.67 -5.69 -2.28
CA GLY A 137 -1.09 -6.29 -3.51
C GLY A 137 0.15 -5.54 -3.93
N LEU A 138 0.19 -4.22 -3.75
CA LEU A 138 1.37 -3.36 -4.04
C LEU A 138 2.53 -3.79 -3.13
N GLN A 139 2.25 -4.06 -1.85
CA GLN A 139 3.31 -4.45 -0.88
C GLN A 139 3.89 -5.80 -1.28
N LYS A 140 3.05 -6.74 -1.72
CA LYS A 140 3.56 -8.05 -2.21
C LYS A 140 4.51 -7.75 -3.36
N CYS A 141 4.13 -6.85 -4.28
CA CYS A 141 4.94 -6.50 -5.47
C CYS A 141 6.25 -5.84 -5.07
N VAL A 142 6.24 -4.95 -4.07
CA VAL A 142 7.45 -4.21 -3.62
C VAL A 142 8.46 -5.25 -3.16
N ARG A 143 7.98 -6.30 -2.50
CA ARG A 143 8.86 -7.37 -1.98
C ARG A 143 9.39 -8.20 -3.15
N MET A 144 8.55 -8.58 -4.11
CA MET A 144 8.98 -9.45 -5.23
C MET A 144 10.10 -8.77 -6.00
N TYR A 145 9.98 -7.46 -6.24
CA TYR A 145 10.97 -6.68 -7.03
C TYR A 145 12.29 -6.58 -6.28
N ASN A 146 12.25 -6.26 -4.98
CA ASN A 146 13.46 -6.13 -4.14
C ASN A 146 13.38 -7.14 -3.00
N PRO A 147 13.86 -8.39 -3.20
CA PRO A 147 13.80 -9.43 -2.18
C PRO A 147 15.09 -9.51 -1.36
N THR A 148 15.84 -8.40 -1.27
CA THR A 148 17.10 -8.34 -0.48
C THR A 148 16.73 -8.59 0.98
N ASN A 149 17.64 -9.18 1.76
CA ASN A 149 17.34 -9.58 3.16
C ASN A 149 17.98 -8.61 4.15
N ILE A 150 17.31 -8.34 5.27
CA ILE A 150 17.85 -7.46 6.35
C ILE A 150 19.15 -8.10 6.86
N LEU A 151 19.19 -9.42 6.99
CA LEU A 151 20.37 -10.18 7.46
C LEU A 151 21.44 -10.18 6.37
N ASP A 152 21.05 -10.24 5.11
CA ASP A 152 21.99 -10.30 3.97
C ASP A 152 22.87 -9.05 4.00
N VAL A 153 22.29 -7.89 4.32
CA VAL A 153 23.03 -6.60 4.38
C VAL A 153 24.24 -6.75 5.31
N LYS A 154 25.43 -6.32 4.89
CA LYS A 154 26.66 -6.33 5.72
C LYS A 154 27.44 -5.03 5.51
N GLN A 155 28.13 -4.53 6.54
CA GLN A 155 28.91 -3.25 6.46
C GLN A 155 30.26 -3.53 5.79
N GLY A 156 30.90 -2.50 5.24
CA GLY A 156 32.22 -2.60 4.59
C GLY A 156 33.28 -1.84 5.36
N PRO A 157 34.57 -2.24 5.35
CA PRO A 157 35.60 -1.57 6.16
C PRO A 157 35.79 -0.10 5.78
N LYS A 158 35.77 0.22 4.49
CA LYS A 158 35.93 1.62 3.98
C LYS A 158 34.52 2.18 3.74
N GLU A 159 33.48 1.45 4.15
CA GLU A 159 32.07 1.88 4.00
C GLU A 159 31.60 2.45 5.34
N PRO A 160 30.85 3.57 5.37
CA PRO A 160 30.45 4.20 6.63
C PRO A 160 29.35 3.43 7.37
N PHE A 161 28.93 3.89 8.56
CA PHE A 161 27.88 3.23 9.38
C PHE A 161 26.48 3.76 9.10
N GLN A 162 26.33 5.08 8.99
CA GLN A 162 25.00 5.72 8.80
C GLN A 162 24.29 5.09 7.60
N SER A 163 25.01 4.88 6.50
CA SER A 163 24.44 4.32 5.24
C SER A 163 24.05 2.87 5.41
N TYR A 164 24.83 2.08 6.14
CA TYR A 164 24.52 0.66 6.43
C TYR A 164 23.20 0.61 7.21
N VAL A 165 23.07 1.48 8.20
CA VAL A 165 21.82 1.57 9.01
C VAL A 165 20.71 2.00 8.06
N ASP A 166 21.02 2.90 7.13
CA ASP A 166 20.02 3.41 6.17
C ASP A 166 19.50 2.23 5.35
N ARG A 167 20.39 1.39 4.83
CA ARG A 167 19.99 0.21 4.04
C ARG A 167 19.20 -0.75 4.93
N PHE A 168 19.58 -0.85 6.21
CA PHE A 168 18.93 -1.75 7.19
C PHE A 168 17.49 -1.35 7.53
N TYR A 169 17.23 -0.08 7.86
CA TYR A 169 15.89 0.37 8.31
C TYR A 169 14.96 0.50 7.09
N LYS A 170 15.52 0.68 5.90
CA LYS A 170 14.74 0.78 4.65
C LYS A 170 14.23 -0.61 4.28
N SER A 171 15.07 -1.63 4.45
CA SER A 171 14.72 -3.04 4.13
C SER A 171 13.69 -3.54 5.13
N LEU A 172 13.85 -3.19 6.40
CA LEU A 172 12.94 -3.61 7.50
C LEU A 172 11.54 -3.06 7.23
N ARG A 173 11.43 -1.82 6.73
CA ARG A 173 10.12 -1.16 6.50
C ARG A 173 9.32 -1.99 5.50
N ALA A 174 9.96 -2.48 4.44
CA ALA A 174 9.29 -3.25 3.36
C ALA A 174 8.73 -4.54 3.95
N GLU A 175 9.51 -5.22 4.79
CA GLU A 175 9.07 -6.49 5.41
C GLU A 175 7.70 -6.30 6.07
N GLN A 176 6.96 -7.39 6.26
CA GLN A 176 5.63 -7.36 6.93
C GLN A 176 5.73 -8.23 8.18
N THR A 177 6.93 -8.34 8.76
CA THR A 177 7.18 -9.19 9.95
C THR A 177 6.61 -8.51 11.20
N ASP A 178 6.62 -9.20 12.35
CA ASP A 178 6.03 -8.67 13.60
C ASP A 178 6.87 -7.52 14.17
N PRO A 179 6.27 -6.58 14.92
CA PRO A 179 6.99 -5.42 15.45
C PRO A 179 8.09 -5.76 16.47
N ALA A 180 7.85 -6.75 17.34
CA ALA A 180 8.83 -7.17 18.36
C ALA A 180 10.07 -7.72 17.68
N VAL A 181 9.88 -8.48 16.59
CA VAL A 181 11.00 -9.04 15.80
C VAL A 181 11.78 -7.86 15.22
N LYS A 182 11.04 -6.86 14.73
CA LYS A 182 11.66 -5.64 14.14
C LYS A 182 12.46 -4.96 15.25
N ASN A 183 11.92 -4.91 16.46
CA ASN A 183 12.59 -4.27 17.63
C ASN A 183 13.88 -5.01 17.96
N TRP A 184 13.84 -6.34 18.01
CA TRP A 184 15.04 -7.19 18.29
C TRP A 184 16.07 -6.97 17.20
N MET A 185 15.63 -6.97 15.94
CA MET A 185 16.53 -6.80 14.77
C MET A 185 17.20 -5.43 14.85
N THR A 186 16.49 -4.42 15.36
CA THR A 186 17.02 -3.04 15.39
C THR A 186 17.80 -2.80 16.68
N GLN A 187 17.97 -3.80 17.54
CA GLN A 187 18.80 -3.67 18.77
C GLN A 187 19.87 -4.75 18.82
N THR A 188 19.98 -5.61 17.81
CA THR A 188 20.91 -6.77 17.85
C THR A 188 21.58 -7.02 16.49
N LEU A 189 20.83 -7.32 15.44
CA LEU A 189 21.33 -7.68 14.09
C LEU A 189 22.23 -6.55 13.58
N LEU A 190 21.84 -5.30 13.81
CA LEU A 190 22.58 -4.12 13.27
C LEU A 190 23.97 -4.07 13.89
N ILE A 191 24.07 -4.32 15.19
CA ILE A 191 25.38 -4.35 15.89
C ILE A 191 26.16 -5.55 15.34
N GLN A 192 25.46 -6.67 15.10
CA GLN A 192 26.11 -7.93 14.64
C GLN A 192 26.65 -7.82 13.21
N ASN A 193 25.90 -7.26 12.27
CA ASN A 193 26.32 -7.22 10.85
C ASN A 193 27.12 -5.94 10.60
N ALA A 194 28.24 -5.77 11.30
CA ALA A 194 29.12 -4.59 11.17
C ALA A 194 30.51 -5.08 10.77
N ASN A 195 31.52 -4.22 10.87
CA ASN A 195 32.92 -4.60 10.56
C ASN A 195 33.43 -5.41 11.75
N PRO A 196 34.61 -6.08 11.68
CA PRO A 196 35.03 -6.97 12.77
C PRO A 196 35.05 -6.33 14.15
N ASP A 197 35.55 -5.09 14.28
CA ASP A 197 35.66 -4.39 15.59
C ASP A 197 34.71 -3.19 15.65
N CYS A 198 33.97 -2.89 14.58
CA CYS A 198 32.95 -1.81 14.58
C CYS A 198 31.77 -2.29 15.42
N LYS A 199 31.61 -3.60 15.57
CA LYS A 199 30.57 -4.19 16.44
C LYS A 199 30.89 -3.74 17.87
N LEU A 200 32.18 -3.70 18.22
CA LEU A 200 32.65 -3.33 19.59
C LEU A 200 32.42 -1.83 19.86
N VAL A 201 32.69 -0.96 18.89
CA VAL A 201 32.57 0.52 19.09
C VAL A 201 31.09 0.81 19.33
N LEU A 202 30.19 0.11 18.63
CA LEU A 202 28.73 0.27 18.84
C LEU A 202 28.39 -0.22 20.25
N LYS A 203 29.05 -1.27 20.72
CA LYS A 203 28.78 -1.88 22.04
C LYS A 203 29.38 -1.04 23.17
N GLY A 204 30.34 -0.15 22.88
CA GLY A 204 30.87 0.76 23.92
C GLY A 204 29.73 1.33 24.74
N LEU A 205 28.57 1.59 24.12
CA LEU A 205 27.35 2.14 24.78
C LEU A 205 26.91 1.06 25.77
N GLY A 206 26.44 1.42 26.96
CA GLY A 206 26.19 0.40 28.02
C GLY A 206 25.25 -0.72 27.63
N MET A 207 24.05 -0.43 27.10
CA MET A 207 23.14 -1.48 26.57
C MET A 207 21.96 -0.84 25.85
N ASN A 208 21.28 -1.61 24.99
CA ASN A 208 20.11 -1.12 24.22
C ASN A 208 20.38 0.32 23.83
N PRO A 209 21.52 0.60 23.18
CA PRO A 209 21.86 1.97 22.86
C PRO A 209 20.83 2.55 21.90
N THR A 210 20.40 3.79 22.12
CA THR A 210 19.42 4.47 21.25
C THR A 210 20.15 4.81 19.97
N LEU A 211 19.44 4.98 18.87
CA LEU A 211 20.11 5.18 17.58
C LEU A 211 20.79 6.54 17.55
N GLU A 212 20.33 7.53 18.30
CA GLU A 212 21.05 8.81 18.37
C GLU A 212 22.43 8.50 18.92
N GLU A 213 22.52 7.66 19.95
CA GLU A 213 23.80 7.35 20.63
C GLU A 213 24.69 6.51 19.73
N MET A 214 24.12 5.73 18.82
CA MET A 214 24.92 4.81 17.98
C MET A 214 25.40 5.55 16.73
N LEU A 215 24.61 6.48 16.20
CA LEU A 215 24.95 7.19 14.94
C LEU A 215 26.00 8.26 15.23
N THR A 216 26.17 8.66 16.48
CA THR A 216 27.16 9.70 16.88
C THR A 216 28.43 9.02 17.39
N ALA A 217 28.29 7.92 18.10
CA ALA A 217 29.45 7.20 18.68
C ALA A 217 30.39 6.75 17.57
N CYS A 218 29.89 6.26 16.44
CA CYS A 218 30.76 5.67 15.38
C CYS A 218 30.94 6.68 14.24
N GLN A 219 30.66 7.95 14.46
CA GLN A 219 30.94 8.95 13.41
C GLN A 219 32.46 8.96 13.24
N GLY A 220 32.96 8.81 12.02
CA GLY A 220 34.41 8.83 11.73
C GLY A 220 35.19 7.84 12.58
N VAL A 221 34.75 6.60 12.72
CA VAL A 221 35.44 5.58 13.57
C VAL A 221 36.28 4.67 12.67
N PRO B 1 -14.31 -14.77 -9.20
CA PRO B 1 -13.12 -14.02 -9.60
C PRO B 1 -13.55 -12.64 -10.12
N VAL B 2 -13.38 -11.58 -9.33
CA VAL B 2 -13.82 -10.22 -9.72
C VAL B 2 -13.09 -9.88 -11.01
N LEU B 3 -11.75 -9.78 -10.98
CA LEU B 3 -10.97 -9.34 -12.17
C LEU B 3 -10.23 -10.56 -12.76
N PHE B 4 -10.62 -11.03 -13.95
CA PHE B 4 -10.00 -12.21 -14.60
C PHE B 4 -8.60 -11.84 -15.09
N PRO B 5 -7.67 -12.79 -15.23
CA PRO B 5 -6.31 -12.43 -15.60
C PRO B 5 -6.29 -11.58 -16.86
N GLY B 6 -5.58 -10.46 -16.84
CA GLY B 6 -5.43 -9.61 -18.04
C GLY B 6 -6.59 -8.67 -18.26
N GLN B 7 -7.60 -8.67 -17.39
CA GLN B 7 -8.83 -7.85 -17.61
C GLN B 7 -8.56 -6.43 -17.15
N PRO B 8 -8.78 -5.39 -17.97
CA PRO B 8 -8.46 -4.05 -17.56
C PRO B 8 -9.27 -3.81 -16.28
N PHE B 9 -8.72 -3.17 -15.26
CA PHE B 9 -9.41 -3.01 -13.96
C PHE B 9 -10.68 -2.22 -14.24
N GLY B 10 -11.73 -2.36 -13.47
CA GLY B 10 -12.92 -1.50 -13.64
C GLY B 10 -14.08 -2.20 -14.28
N GLN B 11 -15.05 -1.44 -14.82
CA GLN B 11 -16.31 -2.00 -15.36
C GLN B 11 -16.00 -2.93 -16.54
N PRO B 12 -16.81 -3.97 -16.76
CA PRO B 12 -16.56 -4.90 -17.84
C PRO B 12 -16.98 -4.27 -19.18
C1 IHP C . -3.96 27.71 -11.82
C2 IHP C . -3.59 26.87 -10.62
C3 IHP C . -4.55 25.69 -10.49
C4 IHP C . -4.44 24.81 -11.72
C5 IHP C . -4.77 25.61 -12.97
C6 IHP C . -3.91 26.86 -13.09
O11 IHP C . -2.97 28.78 -11.93
P1 IHP C . -2.51 29.72 -10.68
O21 IHP C . -1.78 30.91 -11.27
O31 IHP C . -3.77 30.11 -9.95
O41 IHP C . -1.58 28.88 -9.82
O12 IHP C . -2.23 26.37 -10.87
P2 IHP C . -1.30 25.46 -9.93
O22 IHP C . 0.04 25.54 -10.61
O32 IHP C . -1.83 24.04 -9.90
O42 IHP C . -1.29 26.10 -8.56
O13 IHP C . -4.23 24.95 -9.28
P3 IHP C . -4.60 25.47 -7.81
O23 IHP C . -6.09 25.70 -7.82
O33 IHP C . -3.83 26.73 -7.50
O43 IHP C . -4.22 24.33 -6.88
O14 IHP C . -5.39 23.70 -11.63
P4 IHP C . -5.38 22.51 -10.55
O24 IHP C . -3.92 22.11 -10.36
O34 IHP C . -6.18 21.38 -11.17
O44 IHP C . -6.02 23.02 -9.27
O15 IHP C . -4.51 24.72 -14.10
P5 IHP C . -5.24 24.77 -15.55
O25 IHP C . -6.73 24.75 -15.27
O35 IHP C . -4.78 23.49 -16.25
O45 IHP C . -4.79 26.00 -16.30
O16 IHP C . -4.44 27.65 -14.21
P6 IHP C . -3.89 29.06 -14.76
O26 IHP C . -2.38 28.97 -14.82
O36 IHP C . -4.49 29.17 -16.14
O46 IHP C . -4.38 30.17 -13.85
C1 IHP D . 4.87 24.35 -13.10
C2 IHP D . 5.62 25.08 -14.20
C3 IHP D . 6.03 24.14 -15.32
C4 IHP D . 5.03 23.02 -15.50
C5 IHP D . 4.97 22.14 -14.26
C6 IHP D . 5.33 22.91 -13.00
O11 IHP D . 3.44 24.34 -13.43
P1 IHP D . 2.30 24.05 -12.33
O21 IHP D . 0.98 24.35 -12.99
O31 IHP D . 2.40 22.60 -11.91
O41 IHP D . 2.62 25.00 -11.17
O12 IHP D . 4.72 26.10 -14.76
P2 IHP D . 4.11 27.35 -13.93
O22 IHP D . 5.20 27.84 -13.01
O32 IHP D . 2.86 26.92 -13.18
O42 IHP D . 3.79 28.36 -15.01
O13 IHP D . 6.16 24.92 -16.54
P3 IHP D . 7.37 25.97 -16.78
O23 IHP D . 7.20 27.12 -15.80
O33 IHP D . 7.27 26.42 -18.22
O43 IHP D . 8.63 25.17 -16.50
O14 IHP D . 5.39 22.16 -16.62
P4 IHP D . 5.36 22.55 -18.20
O24 IHP D . 6.59 23.36 -18.56
O34 IHP D . 4.08 23.33 -18.39
O44 IHP D . 5.33 21.22 -18.94
O15 IHP D . 3.61 21.63 -14.11
P5 IHP D . 2.79 20.84 -15.25
O25 IHP D . 2.29 21.87 -16.24
O35 IHP D . 1.65 20.12 -14.54
O45 IHP D . 3.78 19.87 -15.87
O16 IHP D . 6.79 22.89 -12.84
P6 IHP D . 7.56 23.50 -11.56
O26 IHP D . 6.91 22.87 -10.35
O36 IHP D . 9.01 23.08 -11.71
O46 IHP D . 7.41 25.01 -11.57
#